data_7T48
#
_entry.id   7T48
#
_cell.length_a   113.661
_cell.length_b   52.591
_cell.length_c   46.310
_cell.angle_alpha   90.00
_cell.angle_beta   102.94
_cell.angle_gamma   90.00
#
_symmetry.space_group_name_H-M   'C 1 2 1'
#
loop_
_entity.id
_entity.type
_entity.pdbx_description
1 polymer '3C-like proteinase'
2 non-polymer 'CHLORIDE ION'
3 non-polymer '(1S,2S)-1-hydroxy-3-[(3S)-2-oxopyrrolidin-3-yl]-2-{[N-({[7-(phenylacetyl)-7-azaspiro[3.5]nonan-2-yl]oxy}carbonyl)-L-leucyl]amino}propane-1-sulfonic acid'
4 non-polymer '(1R,2S)-2-{[N-({[(2r,4R)-7-acetyl-7-azaspiro[3.5]non-5-en-2-yl]oxy}carbonyl)-L-leucyl]amino}-1-hydroxy-3-[(3S)-2-oxopyrrolidin-3-yl]propane-1-sulfonic acid'
5 water water
#
_entity_poly.entity_id   1
_entity_poly.type   'polypeptide(L)'
_entity_poly.pdbx_seq_one_letter_code
;SNIGSGFRKMAFPSGKVEGCMVQVTCGTTTLNGLWLDDVVYCPRHVICTSEDMLNPNYEDLLIRKSNHNFLVQAGNVQLR
VIGHSMQNCVLKLKVDTANPKTPKYKFVRIQPGQTFSVLACYNGSPSGVYQCAMRPNFTIKGSFLNGSCGSVGFNIDYDC
VSFCYMHHMELPTGVHAGTDLEGNFYGPFVDRQTAQAAGTDTTITVNVLAWLYAAVINGDRWFLNRFTTTLNDFNLVAMK
YNYEPLTQDHVDILGPLSAQTGIAVLDMCASLKELLQNGMNGRTILGSALLEDEFTPFDVVRQCSGVTF
;
_entity_poly.pdbx_strand_id   A
#
loop_
_chem_comp.id
_chem_comp.type
_chem_comp.name
_chem_comp.formula
CL non-polymer 'CHLORIDE ION' 'Cl -1'
FEY non-polymer '(1R,2S)-2-{[N-({[(2r,4R)-7-acetyl-7-azaspiro[3.5]non-5-en-2-yl]oxy}carbonyl)-L-leucyl]amino}-1-hydroxy-3-[(3S)-2-oxopyrrolidin-3-yl]propane-1-sulfonic acid' 'C30 H44 N4 O9 S'
FHS non-polymer '(1S,2S)-1-hydroxy-3-[(3S)-2-oxopyrrolidin-3-yl]-2-{[N-({[7-(phenylacetyl)-7-azaspiro[3.5]nonan-2-yl]oxy}carbonyl)-L-leucyl]amino}propane-1-sulfonic acid' 'C30 H44 N4 O9 S'
#
# COMPACT_ATOMS: atom_id res chain seq x y z
N GLY A 6 16.05 -2.86 17.24
CA GLY A 6 14.85 -3.25 17.98
C GLY A 6 13.53 -2.74 17.44
N PHE A 7 13.49 -2.38 16.14
CA PHE A 7 12.33 -1.75 15.52
C PHE A 7 12.34 -2.18 14.06
N ARG A 8 11.28 -2.86 13.62
CA ARG A 8 11.26 -3.58 12.35
C ARG A 8 10.08 -3.14 11.49
N LYS A 9 10.26 -3.22 10.18
CA LYS A 9 9.13 -3.08 9.27
C LYS A 9 8.28 -4.35 9.39
N MET A 10 7.07 -4.19 9.90
CA MET A 10 6.25 -5.31 10.32
C MET A 10 4.93 -5.33 9.57
N ALA A 11 4.57 -6.48 9.02
CA ALA A 11 3.27 -6.66 8.38
C ALA A 11 2.29 -7.30 9.37
N PHE A 12 1.01 -7.07 9.12
CA PHE A 12 -0.02 -7.75 9.88
C PHE A 12 0.02 -9.25 9.61
N PRO A 13 -0.44 -10.06 10.56
CA PRO A 13 -0.63 -11.48 10.26
C PRO A 13 -1.62 -11.66 9.12
N SER A 14 -1.34 -12.59 8.23
CA SER A 14 -2.02 -12.68 6.96
C SER A 14 -3.04 -13.81 6.90
N GLY A 15 -3.24 -14.56 7.98
CA GLY A 15 -4.10 -15.73 7.92
C GLY A 15 -5.49 -15.41 7.39
N LYS A 16 -6.10 -14.34 7.91
CA LYS A 16 -7.49 -14.09 7.51
C LYS A 16 -7.62 -13.74 6.03
N VAL A 17 -6.56 -13.21 5.41
CA VAL A 17 -6.60 -12.85 4.00
C VAL A 17 -6.20 -14.03 3.11
N GLU A 18 -5.30 -14.90 3.58
CA GLU A 18 -4.94 -16.11 2.83
C GLU A 18 -6.17 -16.91 2.38
N GLY A 19 -7.17 -17.03 3.26
CA GLY A 19 -8.35 -17.79 2.95
C GLY A 19 -9.30 -17.14 1.95
N CYS A 20 -8.96 -15.95 1.47
CA CYS A 20 -9.77 -15.23 0.49
C CYS A 20 -9.17 -15.25 -0.91
N MET A 21 -8.00 -15.84 -1.10
CA MET A 21 -7.29 -15.73 -2.38
C MET A 21 -7.69 -16.91 -3.25
N VAL A 22 -8.07 -16.61 -4.50
CA VAL A 22 -8.38 -17.59 -5.53
C VAL A 22 -7.62 -17.25 -6.81
N GLN A 23 -7.59 -18.21 -7.70
CA GLN A 23 -6.99 -18.04 -9.00
C GLN A 23 -8.09 -17.69 -10.01
N VAL A 24 -7.82 -16.70 -10.85
CA VAL A 24 -8.76 -16.35 -11.92
C VAL A 24 -8.02 -16.36 -13.25
N THR A 25 -8.59 -17.06 -14.22
CA THR A 25 -8.01 -17.25 -15.54
C THR A 25 -9.03 -16.90 -16.62
N CYS A 26 -8.58 -16.18 -17.62
CA CYS A 26 -9.42 -15.89 -18.77
C CYS A 26 -8.55 -16.10 -19.99
N GLY A 27 -8.77 -17.19 -20.71
CA GLY A 27 -7.87 -17.52 -21.80
C GLY A 27 -6.53 -17.97 -21.27
N THR A 28 -5.47 -17.31 -21.75
CA THR A 28 -4.11 -17.57 -21.32
C THR A 28 -3.67 -16.65 -20.19
N THR A 29 -4.51 -15.70 -19.78
CA THR A 29 -4.15 -14.75 -18.72
C THR A 29 -4.64 -15.26 -17.37
N THR A 30 -3.72 -15.39 -16.40
CA THR A 30 -4.06 -15.85 -15.06
C THR A 30 -3.59 -14.84 -14.02
N LEU A 31 -4.48 -14.48 -13.11
CA LEU A 31 -4.06 -13.66 -11.99
C LEU A 31 -4.87 -14.06 -10.75
N ASN A 32 -4.84 -13.22 -9.72
CA ASN A 32 -5.45 -13.52 -8.45
C ASN A 32 -6.77 -12.79 -8.31
N GLY A 33 -7.69 -13.40 -7.56
CA GLY A 33 -8.93 -12.77 -7.21
C GLY A 33 -9.17 -12.86 -5.72
N LEU A 34 -9.99 -11.94 -5.23
CA LEU A 34 -10.35 -11.89 -3.82
C LEU A 34 -11.79 -12.36 -3.66
N TRP A 35 -11.98 -13.46 -2.95
CA TRP A 35 -13.27 -14.14 -2.79
C TRP A 35 -13.88 -13.84 -1.42
N LEU A 36 -14.87 -12.95 -1.42
CA LEU A 36 -15.57 -12.53 -0.21
C LEU A 36 -17.07 -12.72 -0.41
N ASP A 37 -17.73 -13.38 0.54
CA ASP A 37 -19.13 -13.80 0.37
C ASP A 37 -19.18 -14.52 -0.99
N ASP A 38 -20.15 -14.20 -1.86
CA ASP A 38 -20.29 -14.90 -3.14
C ASP A 38 -19.78 -14.07 -4.31
N VAL A 39 -18.73 -13.27 -4.08
CA VAL A 39 -18.16 -12.43 -5.13
C VAL A 39 -16.65 -12.56 -5.14
N VAL A 40 -16.09 -12.63 -6.34
CA VAL A 40 -14.66 -12.65 -6.57
C VAL A 40 -14.35 -11.34 -7.27
N TYR A 41 -13.46 -10.54 -6.67
CA TYR A 41 -12.97 -9.28 -7.20
C TYR A 41 -11.63 -9.52 -7.86
N CYS A 42 -11.43 -9.00 -9.08
CA CYS A 42 -10.12 -9.10 -9.71
C CYS A 42 -9.89 -7.97 -10.70
N PRO A 43 -8.65 -7.70 -11.07
CA PRO A 43 -8.37 -6.67 -12.08
C PRO A 43 -9.04 -7.01 -13.41
N ARG A 44 -9.59 -5.98 -14.06
CA ARG A 44 -10.27 -6.21 -15.33
C ARG A 44 -9.32 -6.65 -16.45
N HIS A 45 -8.03 -6.36 -16.34
CA HIS A 45 -7.15 -6.72 -17.44
C HIS A 45 -6.89 -8.23 -17.51
N VAL A 46 -7.55 -9.03 -16.67
CA VAL A 46 -7.53 -10.47 -16.87
C VAL A 46 -8.17 -10.87 -18.21
N ILE A 47 -9.05 -10.04 -18.75
CA ILE A 47 -9.66 -10.31 -20.06
C ILE A 47 -8.78 -9.89 -21.24
N CYS A 48 -7.60 -9.34 -21.02
CA CYS A 48 -6.74 -8.89 -22.10
C CYS A 48 -5.79 -10.01 -22.53
N THR A 49 -5.55 -10.13 -23.84
CA THR A 49 -4.42 -10.90 -24.32
C THR A 49 -3.17 -10.02 -24.33
N SER A 50 -2.02 -10.59 -24.66
CA SER A 50 -0.81 -9.79 -24.68
C SER A 50 -0.91 -8.66 -25.70
N GLU A 51 -1.62 -8.87 -26.81
CA GLU A 51 -1.81 -7.81 -27.79
C GLU A 51 -2.64 -6.66 -27.22
N ASP A 52 -3.73 -6.96 -26.53
CA ASP A 52 -4.68 -5.95 -26.09
C ASP A 52 -4.13 -5.01 -25.04
N MET A 53 -3.08 -5.39 -24.33
CA MET A 53 -2.70 -4.65 -23.14
C MET A 53 -2.15 -3.26 -23.45
N LEU A 54 -1.87 -2.94 -24.71
CA LEU A 54 -1.29 -1.63 -25.00
C LEU A 54 -2.35 -0.54 -25.03
N ASN A 55 -3.48 -0.80 -25.66
CA ASN A 55 -4.61 0.14 -25.68
C ASN A 55 -5.90 -0.65 -25.63
N PRO A 56 -6.22 -1.23 -24.48
CA PRO A 56 -7.44 -2.03 -24.40
C PRO A 56 -8.70 -1.20 -24.46
N ASN A 57 -9.68 -1.71 -25.18
CA ASN A 57 -11.03 -1.15 -25.13
C ASN A 57 -11.83 -2.10 -24.24
N TYR A 58 -11.82 -1.85 -22.93
CA TYR A 58 -12.31 -2.85 -21.99
C TYR A 58 -13.78 -3.16 -22.21
N GLU A 59 -14.61 -2.14 -22.43
CA GLU A 59 -16.03 -2.40 -22.70
C GLU A 59 -16.19 -3.36 -23.88
N ASP A 60 -15.44 -3.14 -24.96
CA ASP A 60 -15.58 -3.99 -26.12
C ASP A 60 -15.02 -5.38 -25.88
N LEU A 61 -13.90 -5.48 -25.17
CA LEU A 61 -13.33 -6.80 -24.88
C LEU A 61 -14.26 -7.59 -23.97
N LEU A 62 -14.91 -6.91 -23.02
CA LEU A 62 -15.75 -7.62 -22.05
C LEU A 62 -16.97 -8.21 -22.71
N ILE A 63 -17.63 -7.45 -23.58
CA ILE A 63 -18.80 -7.88 -24.31
C ILE A 63 -18.54 -9.20 -25.04
N ARG A 64 -17.27 -9.53 -25.29
CA ARG A 64 -16.95 -10.81 -25.92
C ARG A 64 -16.89 -11.98 -24.92
N LYS A 65 -17.06 -11.73 -23.62
CA LYS A 65 -16.80 -12.72 -22.58
C LYS A 65 -18.13 -13.07 -21.92
N SER A 66 -18.34 -14.35 -21.66
CA SER A 66 -19.47 -14.85 -20.93
C SER A 66 -19.01 -15.43 -19.59
N ASN A 67 -19.98 -15.75 -18.71
CA ASN A 67 -19.66 -16.30 -17.39
C ASN A 67 -18.71 -17.50 -17.49
N HIS A 68 -18.92 -18.38 -18.45
CA HIS A 68 -18.12 -19.58 -18.50
C HIS A 68 -16.69 -19.33 -18.99
N ASN A 69 -16.39 -18.15 -19.52
CA ASN A 69 -15.01 -17.87 -19.90
C ASN A 69 -14.13 -17.52 -18.70
N PHE A 70 -14.70 -17.36 -17.52
CA PHE A 70 -13.91 -16.98 -16.35
C PHE A 70 -13.69 -18.20 -15.46
N LEU A 71 -12.47 -18.70 -15.48
CA LEU A 71 -12.13 -19.89 -14.72
C LEU A 71 -11.62 -19.47 -13.34
N VAL A 72 -12.43 -19.76 -12.32
CA VAL A 72 -12.12 -19.37 -10.96
C VAL A 72 -11.90 -20.63 -10.16
N GLN A 73 -10.73 -20.73 -9.52
CA GLN A 73 -10.34 -21.93 -8.80
C GLN A 73 -9.82 -21.57 -7.43
N ALA A 74 -10.30 -22.30 -6.44
CA ALA A 74 -9.92 -22.16 -5.03
C ALA A 74 -9.34 -23.50 -4.61
N GLY A 75 -8.02 -23.56 -4.48
CA GLY A 75 -7.38 -24.85 -4.36
C GLY A 75 -7.80 -25.78 -5.48
N ASN A 76 -8.23 -26.99 -5.11
CA ASN A 76 -8.65 -28.00 -6.09
C ASN A 76 -10.08 -27.80 -6.57
N VAL A 77 -10.83 -26.86 -5.99
CA VAL A 77 -12.25 -26.70 -6.23
C VAL A 77 -12.47 -25.62 -7.27
N GLN A 78 -13.25 -25.94 -8.27
CA GLN A 78 -13.65 -25.00 -9.30
C GLN A 78 -14.90 -24.28 -8.82
N LEU A 79 -14.89 -22.95 -8.90
CA LEU A 79 -16.07 -22.20 -8.56
C LEU A 79 -16.90 -21.93 -9.81
N ARG A 80 -18.21 -21.91 -9.65
CA ARG A 80 -19.13 -21.74 -10.76
C ARG A 80 -19.50 -20.26 -10.87
N VAL A 81 -19.17 -19.66 -12.00
CA VAL A 81 -19.43 -18.24 -12.24
C VAL A 81 -20.87 -18.09 -12.74
N ILE A 82 -21.69 -17.29 -12.05
CA ILE A 82 -23.09 -17.12 -12.41
C ILE A 82 -23.45 -15.69 -12.80
N GLY A 83 -22.51 -14.77 -12.72
CA GLY A 83 -22.76 -13.41 -13.13
C GLY A 83 -21.45 -12.64 -13.19
N HIS A 84 -21.38 -11.60 -14.00
CA HIS A 84 -20.17 -10.78 -14.01
C HIS A 84 -20.52 -9.35 -14.38
N SER A 85 -19.74 -8.41 -13.82
CA SER A 85 -19.89 -7.02 -14.20
C SER A 85 -18.57 -6.29 -13.93
N MET A 86 -18.37 -5.21 -14.65
CA MET A 86 -17.16 -4.39 -14.51
C MET A 86 -17.54 -3.17 -13.69
N GLN A 87 -16.81 -2.92 -12.60
CA GLN A 87 -16.96 -1.67 -11.85
C GLN A 87 -15.61 -0.94 -11.87
N ASN A 88 -15.56 0.18 -12.58
CA ASN A 88 -14.30 0.89 -12.84
C ASN A 88 -13.22 -0.05 -13.36
N CYS A 89 -12.12 -0.27 -12.64
CA CYS A 89 -11.05 -1.12 -13.16
C CYS A 89 -11.04 -2.54 -12.58
N VAL A 90 -12.08 -2.91 -11.83
CA VAL A 90 -12.16 -4.27 -11.33
C VAL A 90 -13.40 -4.94 -11.90
N LEU A 91 -13.31 -6.24 -11.99
CA LEU A 91 -14.38 -7.13 -12.36
C LEU A 91 -14.95 -7.76 -11.09
N LYS A 92 -16.26 -7.94 -11.07
CA LYS A 92 -16.95 -8.64 -9.99
C LYS A 92 -17.60 -9.88 -10.59
N LEU A 93 -17.10 -11.03 -10.19
CA LEU A 93 -17.56 -12.33 -10.65
C LEU A 93 -18.40 -12.94 -9.54
N LYS A 94 -19.71 -13.01 -9.77
CA LYS A 94 -20.64 -13.64 -8.84
C LYS A 94 -20.49 -15.15 -8.99
N VAL A 95 -20.28 -15.85 -7.86
CA VAL A 95 -20.11 -17.29 -7.90
C VAL A 95 -21.25 -17.90 -7.09
N ASP A 96 -21.52 -19.18 -7.32
CA ASP A 96 -22.69 -19.80 -6.68
C ASP A 96 -22.38 -20.39 -5.30
N THR A 97 -21.25 -20.03 -4.70
CA THR A 97 -20.86 -20.44 -3.36
C THR A 97 -20.29 -19.28 -2.56
N ALA A 98 -20.76 -19.09 -1.32
CA ALA A 98 -20.17 -18.10 -0.44
C ALA A 98 -18.86 -18.65 0.13
N ASN A 99 -17.85 -17.80 0.21
CA ASN A 99 -16.56 -18.23 0.78
C ASN A 99 -16.71 -18.53 2.27
N PRO A 100 -16.61 -19.79 2.71
CA PRO A 100 -16.80 -20.06 4.15
C PRO A 100 -15.78 -19.36 5.03
N LYS A 101 -14.66 -18.94 4.46
CA LYS A 101 -13.59 -18.31 5.23
C LYS A 101 -13.64 -16.79 5.17
N THR A 102 -14.73 -16.22 4.67
CA THR A 102 -14.84 -14.78 4.61
C THR A 102 -14.71 -14.21 6.01
N PRO A 103 -13.73 -13.35 6.29
CA PRO A 103 -13.67 -12.68 7.59
C PRO A 103 -14.64 -11.51 7.60
N LYS A 104 -14.86 -10.95 8.79
CA LYS A 104 -15.40 -9.59 8.85
C LYS A 104 -14.48 -8.66 8.06
N TYR A 105 -15.06 -7.85 7.17
CA TYR A 105 -14.26 -7.03 6.30
C TYR A 105 -14.97 -5.74 5.95
N LYS A 106 -14.18 -4.78 5.45
CA LYS A 106 -14.67 -3.56 4.87
C LYS A 106 -13.74 -3.15 3.72
N PHE A 107 -14.25 -2.34 2.83
CA PHE A 107 -13.42 -1.72 1.82
C PHE A 107 -13.19 -0.28 2.25
N VAL A 108 -11.95 0.18 2.17
CA VAL A 108 -11.62 1.57 2.46
C VAL A 108 -10.66 2.12 1.42
N ARG A 109 -10.81 3.39 1.14
CA ARG A 109 -9.90 4.08 0.24
C ARG A 109 -8.93 4.78 1.17
N ILE A 110 -7.70 4.40 1.12
CA ILE A 110 -6.76 4.87 2.12
C ILE A 110 -6.17 6.19 1.66
N GLN A 111 -5.78 7.02 2.63
CA GLN A 111 -5.15 8.31 2.37
C GLN A 111 -3.66 8.18 2.04
N PRO A 112 -3.13 9.08 1.21
CA PRO A 112 -1.68 9.17 1.09
C PRO A 112 -1.05 9.36 2.46
N GLY A 113 0.05 8.67 2.67
CA GLY A 113 0.77 8.73 3.93
C GLY A 113 0.49 7.59 4.87
N GLN A 114 -0.58 6.84 4.64
CA GLN A 114 -0.94 5.70 5.48
C GLN A 114 -0.29 4.44 4.92
N THR A 115 -0.21 3.43 5.79
CA THR A 115 0.44 2.17 5.51
C THR A 115 -0.57 1.02 5.53
N PHE A 116 -0.13 -0.12 5.00
CA PHE A 116 -0.94 -1.32 4.90
C PHE A 116 -0.02 -2.46 4.56
N SER A 117 -0.50 -3.68 4.83
CA SER A 117 0.26 -4.88 4.47
C SER A 117 -0.16 -5.41 3.13
N VAL A 118 0.80 -5.96 2.38
CA VAL A 118 0.54 -6.59 1.08
C VAL A 118 0.77 -8.08 1.22
N LEU A 119 -0.21 -8.88 0.77
CA LEU A 119 -0.06 -10.32 0.64
C LEU A 119 0.16 -10.59 -0.84
N ALA A 120 1.43 -10.67 -1.24
CA ALA A 120 1.79 -11.01 -2.62
C ALA A 120 1.33 -12.42 -2.91
N CYS A 121 0.68 -12.61 -4.05
CA CYS A 121 0.11 -13.89 -4.43
C CYS A 121 0.41 -14.21 -5.87
N TYR A 122 0.51 -15.50 -6.16
CA TYR A 122 0.69 -16.00 -7.52
C TYR A 122 -0.19 -17.23 -7.69
N ASN A 123 -0.97 -17.24 -8.77
CA ASN A 123 -1.87 -18.36 -9.07
C ASN A 123 -2.85 -18.58 -7.94
N GLY A 124 -3.26 -17.50 -7.28
CA GLY A 124 -4.15 -17.64 -6.17
C GLY A 124 -3.52 -18.12 -4.87
N SER A 125 -2.19 -18.41 -4.86
CA SER A 125 -1.50 -18.93 -3.68
C SER A 125 -0.68 -17.85 -3.00
N PRO A 126 -0.84 -17.68 -1.68
CA PRO A 126 -0.03 -16.68 -0.95
C PRO A 126 1.44 -16.98 -1.07
N SER A 127 2.21 -15.94 -1.40
CA SER A 127 3.65 -16.06 -1.55
C SER A 127 4.45 -15.39 -0.44
N GLY A 128 4.07 -14.20 0.02
CA GLY A 128 4.83 -13.52 1.05
C GLY A 128 4.07 -12.29 1.46
N VAL A 129 4.50 -11.72 2.59
CA VAL A 129 3.82 -10.58 3.17
CA VAL A 129 3.82 -10.60 3.24
C VAL A 129 4.85 -9.51 3.51
N TYR A 130 4.48 -8.26 3.26
CA TYR A 130 5.36 -7.12 3.55
C TYR A 130 4.51 -5.87 3.72
N GLN A 131 5.07 -4.88 4.41
CA GLN A 131 4.39 -3.62 4.69
C GLN A 131 4.71 -2.57 3.61
N CYS A 132 3.68 -1.80 3.17
CA CYS A 132 3.86 -0.68 2.25
C CYS A 132 3.22 0.60 2.79
N ALA A 133 3.60 1.73 2.22
CA ALA A 133 2.90 2.99 2.43
C ALA A 133 2.30 3.45 1.12
N MET A 134 1.13 4.06 1.18
CA MET A 134 0.60 4.76 0.00
C MET A 134 1.31 6.10 -0.04
N ARG A 135 2.18 6.27 -1.02
CA ARG A 135 3.03 7.44 -1.11
C ARG A 135 2.20 8.65 -1.51
N PRO A 136 2.79 9.84 -1.36
CA PRO A 136 2.06 11.06 -1.73
C PRO A 136 1.80 11.16 -3.22
N ASN A 137 2.66 10.58 -4.07
CA ASN A 137 2.38 10.54 -5.49
C ASN A 137 1.56 9.31 -5.87
N PHE A 138 0.97 8.66 -4.87
CA PHE A 138 0.00 7.56 -5.04
C PHE A 138 0.59 6.33 -5.70
N THR A 139 1.87 6.09 -5.47
CA THR A 139 2.51 4.84 -5.83
C THR A 139 2.87 4.10 -4.55
N ILE A 140 3.31 2.85 -4.72
CA ILE A 140 3.87 2.07 -3.61
C ILE A 140 5.12 1.38 -4.10
N LYS A 141 5.98 1.04 -3.13
CA LYS A 141 7.24 0.39 -3.39
C LYS A 141 7.07 -1.07 -2.98
N GLY A 142 6.51 -1.86 -3.90
CA GLY A 142 6.20 -3.24 -3.65
C GLY A 142 7.21 -4.17 -4.28
N SER A 143 6.84 -5.43 -4.30
CA SER A 143 7.64 -6.47 -4.92
C SER A 143 6.65 -7.38 -5.62
N PHE A 144 6.54 -7.22 -6.92
CA PHE A 144 5.48 -7.86 -7.68
C PHE A 144 6.04 -8.36 -9.01
N LEU A 145 5.64 -9.55 -9.40
CA LEU A 145 6.07 -10.09 -10.67
C LEU A 145 4.86 -10.29 -11.56
N ASN A 146 5.11 -10.76 -12.78
CA ASN A 146 4.00 -11.23 -13.60
C ASN A 146 3.19 -12.26 -12.83
N GLY A 147 1.88 -12.12 -12.93
CA GLY A 147 1.00 -13.06 -12.22
C GLY A 147 0.59 -12.61 -10.84
N SER A 148 1.14 -11.51 -10.34
CA SER A 148 0.80 -11.03 -9.01
C SER A 148 -0.40 -10.10 -8.96
N CYS A 149 -0.93 -9.65 -10.11
CA CYS A 149 -2.06 -8.75 -10.08
C CYS A 149 -3.26 -9.39 -9.38
N GLY A 150 -4.02 -8.55 -8.67
CA GLY A 150 -5.07 -9.00 -7.80
C GLY A 150 -4.64 -9.35 -6.39
N SER A 151 -3.34 -9.46 -6.12
CA SER A 151 -2.87 -9.39 -4.75
C SER A 151 -3.42 -8.12 -4.11
N VAL A 152 -3.70 -8.19 -2.81
CA VAL A 152 -4.38 -7.14 -2.07
C VAL A 152 -3.52 -6.58 -0.95
N GLY A 153 -3.84 -5.36 -0.58
CA GLY A 153 -3.29 -4.75 0.60
C GLY A 153 -4.41 -4.49 1.58
N PHE A 154 -4.08 -4.50 2.86
CA PHE A 154 -5.07 -4.54 3.91
C PHE A 154 -4.48 -4.05 5.23
N ASN A 155 -5.38 -3.68 6.12
CA ASN A 155 -5.06 -3.49 7.53
C ASN A 155 -6.00 -4.39 8.32
N ILE A 156 -5.59 -4.77 9.52
CA ILE A 156 -6.47 -5.48 10.44
C ILE A 156 -6.73 -4.61 11.64
N ASP A 157 -8.01 -4.47 12.01
CA ASP A 157 -8.50 -3.72 13.17
C ASP A 157 -9.25 -4.70 14.07
N TYR A 158 -8.54 -5.26 15.05
CA TYR A 158 -9.10 -6.27 15.94
C TYR A 158 -9.30 -7.56 15.16
N ASP A 159 -10.52 -7.84 14.73
CA ASP A 159 -10.77 -9.00 13.87
C ASP A 159 -11.36 -8.59 12.52
N CYS A 160 -11.40 -7.30 12.22
CA CYS A 160 -11.98 -6.83 10.97
C CYS A 160 -10.86 -6.48 9.98
N VAL A 161 -10.98 -6.97 8.75
CA VAL A 161 -9.99 -6.73 7.71
C VAL A 161 -10.51 -5.58 6.84
N SER A 162 -9.73 -4.49 6.77
CA SER A 162 -10.02 -3.37 5.87
C SER A 162 -9.14 -3.50 4.64
N PHE A 163 -9.75 -3.89 3.52
CA PHE A 163 -9.04 -3.99 2.26
C PHE A 163 -8.94 -2.62 1.60
N CYS A 164 -7.72 -2.21 1.25
CA CYS A 164 -7.52 -0.90 0.69
C CYS A 164 -6.83 -0.87 -0.65
N TYR A 165 -6.22 -1.95 -1.09
CA TYR A 165 -5.41 -1.91 -2.31
C TYR A 165 -5.58 -3.22 -3.06
N MET A 166 -5.67 -3.12 -4.39
CA MET A 166 -5.57 -4.27 -5.28
C MET A 166 -4.54 -3.95 -6.34
N HIS A 167 -3.60 -4.88 -6.58
CA HIS A 167 -2.47 -4.58 -7.45
C HIS A 167 -2.78 -4.72 -8.94
N HIS A 168 -2.39 -3.68 -9.73
CA HIS A 168 -2.59 -3.71 -11.17
C HIS A 168 -1.34 -3.51 -12.03
N MET A 169 -0.34 -2.75 -11.61
CA MET A 169 0.69 -2.46 -12.59
C MET A 169 1.98 -1.92 -11.98
N GLU A 170 3.01 -1.95 -12.80
CA GLU A 170 4.32 -1.38 -12.53
C GLU A 170 4.55 -0.11 -13.34
N LEU A 171 5.13 0.93 -12.67
CA LEU A 171 5.46 2.24 -13.24
C LEU A 171 6.94 2.38 -13.53
N PRO A 172 7.31 3.35 -14.38
CA PRO A 172 8.65 3.43 -14.92
C PRO A 172 9.80 3.16 -13.97
N THR A 173 9.70 3.65 -12.73
CA THR A 173 10.83 3.56 -11.83
C THR A 173 10.84 2.27 -11.02
N GLY A 174 10.02 1.28 -11.37
CA GLY A 174 9.93 0.08 -10.56
C GLY A 174 8.95 0.17 -9.41
N VAL A 175 8.25 1.28 -9.27
CA VAL A 175 7.22 1.42 -8.24
C VAL A 175 5.90 0.89 -8.80
N HIS A 176 4.85 0.89 -7.97
CA HIS A 176 3.67 0.10 -8.26
C HIS A 176 2.44 0.95 -8.09
N ALA A 177 1.39 0.59 -8.84
CA ALA A 177 0.13 1.31 -8.84
C ALA A 177 -1.01 0.31 -8.85
N GLY A 178 -2.06 0.67 -8.14
CA GLY A 178 -3.25 -0.14 -8.12
C GLY A 178 -4.47 0.66 -7.72
N THR A 179 -5.52 -0.07 -7.37
CA THR A 179 -6.83 0.51 -7.13
C THR A 179 -7.29 0.16 -5.72
N ASP A 180 -8.37 0.81 -5.30
CA ASP A 180 -9.13 0.39 -4.15
C ASP A 180 -10.08 -0.74 -4.60
N LEU A 181 -10.81 -1.31 -3.66
CA LEU A 181 -11.64 -2.45 -4.04
C LEU A 181 -12.93 -2.02 -4.73
N GLU A 182 -13.13 -0.72 -5.02
CA GLU A 182 -14.18 -0.30 -5.96
C GLU A 182 -13.62 -0.11 -7.35
N GLY A 183 -12.33 -0.39 -7.53
CA GLY A 183 -11.70 -0.36 -8.83
C GLY A 183 -11.23 0.99 -9.30
N ASN A 184 -11.24 2.02 -8.46
CA ASN A 184 -10.63 3.31 -8.80
C ASN A 184 -9.14 3.34 -8.47
N PHE A 185 -8.32 3.70 -9.43
CA PHE A 185 -6.89 3.84 -9.16
C PHE A 185 -6.66 4.84 -8.04
N TYR A 186 -5.65 4.55 -7.25
CA TYR A 186 -4.96 5.61 -6.53
C TYR A 186 -4.08 6.36 -7.52
N GLY A 187 -4.14 7.68 -7.48
CA GLY A 187 -3.34 8.48 -8.38
C GLY A 187 -3.93 8.58 -9.80
N PRO A 188 -3.16 9.15 -10.73
CA PRO A 188 -3.72 9.42 -12.08
C PRO A 188 -3.53 8.27 -13.05
N PHE A 189 -3.22 7.09 -12.56
CA PHE A 189 -2.81 6.02 -13.46
C PHE A 189 -4.01 5.34 -14.12
N VAL A 190 -3.73 4.64 -15.22
CA VAL A 190 -4.71 3.95 -16.03
C VAL A 190 -4.19 2.55 -16.32
N ASP A 191 -5.08 1.56 -16.42
CA ASP A 191 -4.64 0.18 -16.65
C ASP A 191 -4.43 -0.04 -18.16
N ARG A 192 -3.33 0.55 -18.65
CA ARG A 192 -2.89 0.34 -20.02
C ARG A 192 -1.38 0.29 -20.02
N GLN A 193 -0.83 -0.54 -20.91
CA GLN A 193 0.59 -0.91 -20.95
C GLN A 193 1.43 0.18 -21.56
N THR A 194 1.24 1.39 -21.11
CA THR A 194 2.10 2.48 -21.50
C THR A 194 2.98 2.90 -20.32
N ALA A 195 3.99 3.68 -20.65
CA ALA A 195 4.77 4.35 -19.63
C ALA A 195 3.96 5.55 -19.16
N GLN A 196 3.69 5.59 -17.87
CA GLN A 196 2.97 6.69 -17.27
C GLN A 196 3.83 7.24 -16.14
N ALA A 197 3.76 8.56 -15.95
CA ALA A 197 4.57 9.23 -14.94
C ALA A 197 3.85 9.29 -13.62
N ALA A 198 4.56 8.94 -12.55
CA ALA A 198 4.22 9.48 -11.26
C ALA A 198 5.03 10.76 -11.12
N GLY A 199 4.46 11.75 -10.48
CA GLY A 199 5.22 12.95 -10.33
C GLY A 199 6.29 12.76 -9.28
N THR A 200 6.90 13.88 -8.93
CA THR A 200 7.79 13.96 -7.79
C THR A 200 7.34 13.08 -6.64
N ASP A 201 8.26 12.26 -6.15
CA ASP A 201 8.04 11.40 -4.98
C ASP A 201 8.38 12.20 -3.72
N THR A 202 7.39 12.85 -3.14
CA THR A 202 7.59 13.64 -1.95
C THR A 202 7.67 12.73 -0.70
N THR A 203 8.45 13.16 0.27
CA THR A 203 8.67 12.40 1.50
C THR A 203 7.61 12.74 2.56
N ILE A 204 7.13 11.71 3.25
CA ILE A 204 6.08 11.86 4.27
C ILE A 204 6.69 12.36 5.57
N THR A 205 6.81 13.67 5.67
CA THR A 205 7.51 14.28 6.78
C THR A 205 7.05 13.73 8.12
N VAL A 206 5.73 13.64 8.33
CA VAL A 206 5.23 13.23 9.62
C VAL A 206 5.72 11.84 9.96
N ASN A 207 5.84 10.98 8.95
CA ASN A 207 6.32 9.62 9.18
C ASN A 207 7.80 9.61 9.51
N VAL A 208 8.59 10.49 8.88
CA VAL A 208 10.00 10.56 9.25
C VAL A 208 10.13 10.98 10.71
N LEU A 209 9.35 11.97 11.13
CA LEU A 209 9.42 12.39 12.53
C LEU A 209 9.03 11.23 13.43
N ALA A 210 7.96 10.51 13.05
CA ALA A 210 7.52 9.38 13.84
C ALA A 210 8.65 8.40 14.05
N TRP A 211 9.39 8.14 12.96
CA TRP A 211 10.44 7.14 12.99
C TRP A 211 11.63 7.66 13.83
N LEU A 212 11.92 8.96 13.78
CA LEU A 212 12.96 9.52 14.62
C LEU A 212 12.59 9.37 16.09
N TYR A 213 11.30 9.49 16.40
CA TYR A 213 10.88 9.22 17.77
C TYR A 213 11.10 7.76 18.11
N ALA A 214 10.76 6.88 17.17
CA ALA A 214 11.00 5.45 17.37
C ALA A 214 12.46 5.21 17.68
N ALA A 215 13.34 5.96 17.03
CA ALA A 215 14.78 5.80 17.24
C ALA A 215 15.16 6.20 18.65
N VAL A 216 14.64 7.32 19.13
CA VAL A 216 14.85 7.72 20.51
C VAL A 216 14.31 6.66 21.48
N ILE A 217 13.08 6.16 21.27
CA ILE A 217 12.54 5.13 22.18
C ILE A 217 13.51 3.96 22.32
N ASN A 218 14.21 3.62 21.23
CA ASN A 218 15.07 2.45 21.17
C ASN A 218 16.54 2.79 21.39
N GLY A 219 16.85 3.95 21.96
CA GLY A 219 18.19 4.27 22.38
C GLY A 219 19.10 4.92 21.36
N ASP A 220 18.59 5.27 20.18
CA ASP A 220 19.39 5.94 19.14
C ASP A 220 19.13 7.45 19.24
N ARG A 221 20.08 8.21 19.78
CA ARG A 221 19.81 9.62 20.05
C ARG A 221 20.91 10.59 19.58
N TRP A 222 21.91 10.12 18.82
CA TRP A 222 23.03 10.98 18.44
C TRP A 222 22.60 12.23 17.69
N PHE A 223 21.46 12.17 17.01
CA PHE A 223 21.00 13.25 16.13
C PHE A 223 20.22 14.33 16.87
N LEU A 224 20.00 14.17 18.17
CA LEU A 224 19.31 15.19 18.93
C LEU A 224 20.27 16.36 19.16
N ASN A 225 19.76 17.58 19.12
CA ASN A 225 20.62 18.74 19.28
C ASN A 225 19.99 19.70 20.29
N ARG A 226 20.65 20.84 20.50
CA ARG A 226 20.21 21.82 21.50
C ARG A 226 19.32 22.90 20.89
N PHE A 227 18.76 22.67 19.70
CA PHE A 227 18.08 23.71 18.96
C PHE A 227 16.60 23.40 18.87
N THR A 228 15.84 24.42 18.48
CA THR A 228 14.46 24.22 18.09
C THR A 228 14.21 25.04 16.82
N THR A 229 12.99 24.96 16.28
CA THR A 229 12.63 25.72 15.10
C THR A 229 11.14 26.08 15.17
N THR A 230 10.65 26.73 14.11
CA THR A 230 9.23 27.00 13.90
C THR A 230 8.71 26.17 12.74
N LEU A 231 7.39 25.97 12.75
CA LEU A 231 6.77 25.25 11.64
C LEU A 231 7.11 25.91 10.32
N ASN A 232 6.95 27.24 10.23
CA ASN A 232 7.22 27.90 8.95
C ASN A 232 8.69 27.82 8.56
N ASP A 233 9.60 27.92 9.51
CA ASP A 233 11.01 27.85 9.16
C ASP A 233 11.42 26.42 8.79
N PHE A 234 10.88 25.43 9.51
CA PHE A 234 11.13 24.04 9.13
C PHE A 234 10.70 23.77 7.70
N ASN A 235 9.47 24.18 7.36
CA ASN A 235 8.93 23.88 6.03
C ASN A 235 9.70 24.57 4.91
N LEU A 236 10.36 25.71 5.19
CA LEU A 236 11.20 26.32 4.16
C LEU A 236 12.34 25.39 3.76
N VAL A 237 12.89 24.68 4.73
CA VAL A 237 13.88 23.66 4.40
C VAL A 237 13.24 22.41 3.84
N ALA A 238 12.14 21.94 4.44
CA ALA A 238 11.48 20.74 3.93
C ALA A 238 11.24 20.86 2.44
N MET A 239 10.63 21.97 2.00
CA MET A 239 10.31 22.16 0.58
C MET A 239 11.50 21.88 -0.32
N LYS A 240 12.67 22.43 0.01
CA LYS A 240 13.79 22.28 -0.91
C LYS A 240 14.13 20.82 -1.12
N TYR A 241 13.85 19.97 -0.13
CA TYR A 241 14.13 18.53 -0.16
C TYR A 241 12.92 17.70 -0.57
N ASN A 242 11.90 18.33 -1.14
CA ASN A 242 10.68 17.65 -1.56
C ASN A 242 10.10 16.84 -0.40
N TYR A 243 10.13 17.42 0.79
CA TYR A 243 9.34 16.91 1.89
C TYR A 243 7.96 17.55 1.94
N GLU A 244 6.97 16.78 2.37
CA GLU A 244 5.64 17.31 2.57
C GLU A 244 5.64 18.41 3.64
N PRO A 245 4.85 19.46 3.46
CA PRO A 245 4.75 20.49 4.49
C PRO A 245 4.14 19.90 5.75
N LEU A 246 4.72 20.25 6.88
CA LEU A 246 4.21 19.82 8.17
C LEU A 246 3.15 20.80 8.66
N THR A 247 2.03 20.28 9.13
CA THR A 247 0.90 21.08 9.57
C THR A 247 0.71 20.93 11.06
N GLN A 248 -0.12 21.80 11.64
CA GLN A 248 -0.41 21.65 13.05
C GLN A 248 -1.07 20.31 13.34
N ASP A 249 -1.86 19.78 12.40
CA ASP A 249 -2.50 18.51 12.71
C ASP A 249 -1.49 17.39 12.74
N HIS A 250 -0.46 17.46 11.88
CA HIS A 250 0.69 16.56 12.01
C HIS A 250 1.30 16.67 13.40
N VAL A 251 1.52 17.91 13.88
CA VAL A 251 2.08 18.13 15.20
C VAL A 251 1.23 17.48 16.29
N ASP A 252 -0.10 17.64 16.21
CA ASP A 252 -0.97 17.01 17.22
C ASP A 252 -0.96 15.49 17.13
N ILE A 253 -0.85 14.94 15.92
CA ILE A 253 -0.82 13.48 15.79
C ILE A 253 0.44 12.91 16.43
N LEU A 254 1.55 13.64 16.35
CA LEU A 254 2.80 13.29 17.00
C LEU A 254 2.82 13.57 18.52
N GLY A 255 1.78 14.18 19.07
CA GLY A 255 1.71 14.42 20.50
C GLY A 255 2.11 13.26 21.39
N PRO A 256 1.43 12.11 21.29
CA PRO A 256 1.77 11.00 22.20
C PRO A 256 3.24 10.60 22.18
N LEU A 257 3.85 10.47 21.00
CA LEU A 257 5.27 10.12 20.92
C LEU A 257 6.16 11.22 21.52
N SER A 258 5.87 12.47 21.17
CA SER A 258 6.53 13.62 21.80
C SER A 258 6.45 13.53 23.32
N ALA A 259 5.25 13.26 23.85
CA ALA A 259 5.07 13.22 25.29
C ALA A 259 5.80 12.04 25.89
N GLN A 260 5.76 10.88 25.23
CA GLN A 260 6.41 9.71 25.79
C GLN A 260 7.91 9.91 25.87
N THR A 261 8.47 10.69 24.95
CA THR A 261 9.91 10.90 24.88
C THR A 261 10.39 12.21 25.50
N GLY A 262 9.48 13.10 25.86
CA GLY A 262 9.86 14.42 26.32
C GLY A 262 10.58 15.28 25.31
N ILE A 263 10.41 15.04 24.02
CA ILE A 263 11.01 15.86 22.97
C ILE A 263 9.91 16.55 22.19
N ALA A 264 9.75 17.86 22.40
CA ALA A 264 8.81 18.67 21.62
C ALA A 264 8.95 18.39 20.13
N VAL A 265 7.81 18.40 19.44
CA VAL A 265 7.83 18.13 18.00
C VAL A 265 8.73 19.13 17.28
N LEU A 266 8.70 20.40 17.68
CA LEU A 266 9.54 21.35 16.97
C LEU A 266 11.03 21.20 17.33
N ASP A 267 11.35 20.65 18.49
CA ASP A 267 12.74 20.29 18.73
C ASP A 267 13.17 19.15 17.82
N MET A 268 12.31 18.16 17.66
CA MET A 268 12.64 17.09 16.71
C MET A 268 12.77 17.61 15.29
N CYS A 269 11.95 18.59 14.90
CA CYS A 269 12.06 19.21 13.59
C CYS A 269 13.42 19.86 13.41
N ALA A 270 13.91 20.51 14.46
CA ALA A 270 15.27 21.07 14.38
C ALA A 270 16.30 20.00 14.07
N SER A 271 16.15 18.82 14.66
CA SER A 271 17.10 17.75 14.39
C SER A 271 16.97 17.25 12.97
N LEU A 272 15.74 17.14 12.49
CA LEU A 272 15.52 16.70 11.13
C LEU A 272 16.13 17.69 10.15
N LYS A 273 15.94 18.99 10.42
CA LYS A 273 16.48 20.04 9.56
C LYS A 273 17.98 19.87 9.33
N GLU A 274 18.73 19.59 10.40
CA GLU A 274 20.17 19.40 10.26
C GLU A 274 20.50 18.10 9.54
N LEU A 275 19.72 17.04 9.76
CA LEU A 275 19.96 15.81 9.02
C LEU A 275 19.74 16.00 7.51
N LEU A 276 18.80 16.85 7.13
CA LEU A 276 18.54 17.06 5.70
C LEU A 276 19.62 17.91 5.06
N GLN A 277 20.08 18.93 5.77
CA GLN A 277 21.07 19.84 5.21
C GLN A 277 22.48 19.27 5.30
N ASN A 278 22.78 18.54 6.37
CA ASN A 278 24.14 18.09 6.68
C ASN A 278 24.34 16.61 6.46
N GLY A 279 23.28 15.84 6.34
CA GLY A 279 23.40 14.43 6.11
C GLY A 279 23.71 13.67 7.38
N MET A 280 24.02 12.40 7.21
CA MET A 280 24.26 11.52 8.34
C MET A 280 25.74 11.25 8.58
N ASN A 281 26.63 11.72 7.71
CA ASN A 281 28.07 11.53 7.86
C ASN A 281 28.38 10.13 8.38
N GLY A 282 27.94 9.14 7.62
CA GLY A 282 28.21 7.75 7.88
C GLY A 282 27.44 7.11 9.02
N ARG A 283 26.75 7.88 9.85
CA ARG A 283 26.07 7.28 10.99
C ARG A 283 24.77 6.62 10.53
N THR A 284 24.17 5.82 11.42
CA THR A 284 22.91 5.16 11.15
C THR A 284 21.87 5.47 12.22
N ILE A 285 20.62 5.29 11.82
CA ILE A 285 19.46 5.47 12.68
C ILE A 285 18.58 4.25 12.51
N LEU A 286 18.38 3.51 13.59
CA LEU A 286 17.65 2.24 13.57
C LEU A 286 18.12 1.34 12.43
N GLY A 287 19.43 1.34 12.20
CA GLY A 287 20.00 0.47 11.19
C GLY A 287 19.83 0.93 9.76
N SER A 288 19.40 2.17 9.53
CA SER A 288 19.33 2.72 8.19
C SER A 288 20.28 3.89 8.07
N ALA A 289 20.88 4.04 6.88
CA ALA A 289 21.62 5.24 6.52
C ALA A 289 20.78 6.21 5.70
N LEU A 290 19.47 6.01 5.65
CA LEU A 290 18.56 6.96 5.03
C LEU A 290 17.40 7.24 5.98
N LEU A 291 16.73 8.37 5.78
CA LEU A 291 15.56 8.74 6.55
C LEU A 291 14.33 7.96 6.07
N GLU A 292 13.75 7.15 6.95
CA GLU A 292 12.64 6.25 6.62
C GLU A 292 11.29 6.95 6.80
N ASP A 293 10.43 6.92 5.78
CA ASP A 293 9.15 7.58 5.88
C ASP A 293 7.95 6.62 5.74
N GLU A 294 8.14 5.32 5.90
CA GLU A 294 7.01 4.40 5.74
C GLU A 294 6.54 3.83 7.08
N PHE A 295 6.77 4.55 8.19
CA PHE A 295 6.06 4.27 9.44
C PHE A 295 5.20 5.48 9.80
N THR A 296 3.88 5.26 9.95
CA THR A 296 3.03 6.30 10.54
C THR A 296 3.23 6.41 12.07
N PRO A 297 2.79 7.53 12.65
CA PRO A 297 2.74 7.64 14.13
C PRO A 297 2.03 6.47 14.81
N PHE A 298 0.88 6.07 14.26
CA PHE A 298 0.15 4.93 14.83
C PHE A 298 0.97 3.66 14.74
N ASP A 299 1.70 3.45 13.64
CA ASP A 299 2.54 2.27 13.51
C ASP A 299 3.64 2.22 14.57
N VAL A 300 4.25 3.38 14.89
CA VAL A 300 5.31 3.41 15.90
C VAL A 300 4.73 3.09 17.27
N VAL A 301 3.63 3.76 17.64
CA VAL A 301 2.97 3.52 18.91
C VAL A 301 2.63 2.03 19.06
N ARG A 302 2.04 1.45 18.02
CA ARG A 302 1.58 0.06 18.11
C ARG A 302 2.75 -0.91 18.31
N GLN A 303 3.88 -0.66 17.64
CA GLN A 303 4.99 -1.59 17.73
C GLN A 303 5.75 -1.41 19.03
N CYS A 304 5.85 -0.18 19.53
CA CYS A 304 6.57 0.11 20.76
C CYS A 304 5.68 -0.02 22.00
N SER A 305 4.60 -0.78 21.94
CA SER A 305 3.77 -1.02 23.12
C SER A 305 3.14 -2.40 23.09
CL CL B . 26.64 18.81 24.54
C02 FHS C . 2.30 -3.46 -16.68
C04 FHS C . 0.02 -4.48 -16.52
C05 FHS C . -1.17 -4.89 -17.39
C07 FHS C . -2.98 -4.07 -18.99
C09 FHS C . 0.59 -5.71 -15.76
C11 FHS C . 0.83 -7.25 -13.81
C12 FHS C . 1.84 -7.00 -12.69
C13 FHS C . 2.97 -6.05 -13.02
C16 FHS C . 5.26 -6.99 -13.42
C19 FHS C . -0.38 -8.05 -13.32
C23 FHS C . 4.32 -2.90 -17.99
C27 FHS C . 7.24 0.65 -16.44
C29 FHS C . 9.29 1.29 -17.88
C32 FHS C . 12.64 1.47 -18.30
C33 FHS C . 13.88 2.04 -18.00
N15 FHS C . 5.24 -6.23 -12.18
C06 FHS C . -2.05 -3.71 -17.82
C08 FHS C . -2.81 -3.09 -16.66
C14 FHS C . 4.00 -5.70 -11.91
C17 FHS C . 3.91 -6.62 -14.08
C24 FHS C . 5.78 -2.90 -17.49
C25 FHS C . 5.87 -1.34 -17.47
C26 FHS C . 6.75 -0.79 -16.33
C30 FHS C . 10.20 1.58 -19.07
C31 FHS C . 11.55 2.22 -18.77
C34 FHS C . 14.07 3.41 -18.15
C35 FHS C . 13.01 4.20 -18.60
C36 FHS C . 11.78 3.61 -18.89
C38 FHS C . 6.97 0.64 -18.82
C39 FHS C . 6.40 -0.80 -18.82
C40 FHS C . 4.32 -1.33 -17.76
N03 FHS C . 1.12 -3.85 -17.23
N10 FHS C . 0.28 -6.09 -14.52
N28 FHS C . 7.94 0.91 -17.72
O01 FHS C . 2.32 -2.88 -15.60
O18 FHS C . 3.73 -5.04 -10.94
O20 FHS C . 0.04 -9.22 -12.72
O21 FHS C . 1.43 -6.39 -16.39
O22 FHS C . 3.53 -3.78 -17.24
O37 FHS C . 9.91 1.43 -16.78
C13 FEY D . 3.02 -6.02 -12.94
C14 FEY D . 4.04 -5.68 -11.82
C16 FEY D . 5.37 -6.77 -13.45
C17 FEY D . 3.96 -6.49 -14.05
C19 FEY D . -0.30 -8.13 -13.16
O22 FEY D . 3.49 -3.84 -17.27
N28 FEY D . 7.91 0.88 -17.72
C29 FEY D . 9.26 1.27 -17.89
C30 FEY D . 10.16 1.57 -19.08
C38 FEY D . 6.94 0.61 -18.81
C39 FEY D . 6.36 -0.83 -18.78
C40 FEY D . 4.28 -1.37 -17.69
C02 FEY D . 2.29 -3.53 -16.62
C04 FEY D . 0.00 -4.49 -16.42
C05 FEY D . -1.18 -4.93 -17.28
C07 FEY D . -2.95 -4.19 -18.97
C09 FEY D . 0.63 -5.73 -15.66
C11 FEY D . 0.88 -7.31 -13.72
C12 FEY D . 1.93 -7.05 -12.63
C23 FEY D . 4.29 -2.93 -17.97
C27 FEY D . 7.22 0.63 -16.43
N15 FEY D . 5.32 -6.09 -12.16
C06 FEY D . -2.05 -3.77 -17.80
C08 FEY D . -2.84 -3.09 -16.69
C24 FEY D . 5.74 -2.93 -17.43
C25 FEY D . 5.83 -1.38 -17.42
C26 FEY D . 6.73 -0.81 -16.30
N03 FEY D . 1.07 -3.82 -17.15
N10 FEY D . 0.30 -6.15 -14.43
O01 FEY D . 2.39 -3.06 -15.48
O18 FEY D . 3.74 -5.12 -10.80
O20 FEY D . -1.14 -8.52 -14.18
O21 FEY D . 1.51 -6.34 -16.28
O37 FEY D . 9.89 1.43 -16.79
C1 FEY D . 11.51 2.21 -18.79
C2 FEY D . 12.60 1.47 -18.32
C3 FEY D . 13.84 2.04 -18.02
C4 FEY D . 14.02 3.41 -18.19
C5 FEY D . 12.96 4.19 -18.65
C6 FEY D . 11.73 3.60 -18.93
#